data_2AQY
#
_entry.id   2AQY
#
loop_
_entity.id
_entity.type
_entity.pdbx_description
1 polymer "5'-D(*GP*(OIP)P*GP*TP*TP*AP*GP*GP*GP*TP*TP*AP*GP*GP*GP*T)-3'"
2 polymer "5'-D(*TP*AP*GP*GP*GP*(DU))-3'"
#
loop_
_entity_poly.entity_id
_entity_poly.type
_entity_poly.pdbx_seq_one_letter_code
_entity_poly.pdbx_strand_id
1 'polydeoxyribonucleotide' (DG)(DI)(DG)(DT)(DT)(DA)(DG)(DG)(DG)(DT)(DT)(DA)(DG)(DG)(DG)(DT) A
2 'polydeoxyribonucleotide' (DT)(DA)(DG)(DG)(DG)(DU) B
#